data_2GT1
#
_entry.id   2GT1
#
_cell.length_a   78.650
_cell.length_b   88.790
_cell.length_c   89.810
_cell.angle_alpha   90.00
_cell.angle_beta   90.00
_cell.angle_gamma   90.00
#
_symmetry.space_group_name_H-M   'P 21 21 21'
#
loop_
_entity.id
_entity.type
_entity.pdbx_description
1 polymer 'Lipopolysaccharide heptosyltransferase-1'
2 water water
#
_entity_poly.entity_id   1
_entity_poly.type   'polypeptide(L)'
_entity_poly.pdbx_seq_one_letter_code
;MRVLIVKTSSMGDVLHTLPALTDAQQAIPGIKFDWVVEEGFAQIPSWHAAVERVIPVAIRRWRKAWFSAPIKAERKAFRE
ALQAKNYDAVIDAQGLVKSAALVTRLAHGVKHGMDWQTAREPLASLFYNRKHHIAKQQHAVERTRELFAKSLGYSKPQTQ
GDYAIAQHFLTNLPTDAGEYAVFLHATTRDDKHWPEEHWRELIGLLADSGIRIKLPWGAPHEEERAKRLAEGFAYVEVLP
KMSLEGVARVLAGAKFVVSVDTGLSHLTAALDRPNITVYGPTDPGLIGGYGKNQMVCRAPGNELSQLTANAVKQFIEENA
EKAAMI
;
_entity_poly.pdbx_strand_id   A,B
#
# COMPACT_ATOMS: atom_id res chain seq x y z
N MET A 1 15.99 14.23 -37.27
CA MET A 1 14.95 14.94 -36.48
C MET A 1 15.49 15.33 -35.11
N ARG A 2 15.24 16.57 -34.68
CA ARG A 2 15.68 17.02 -33.37
C ARG A 2 14.46 17.53 -32.62
N VAL A 3 14.22 16.96 -31.43
CA VAL A 3 13.06 17.32 -30.61
C VAL A 3 13.51 17.92 -29.28
N LEU A 4 12.79 18.94 -28.82
CA LEU A 4 13.12 19.55 -27.55
C LEU A 4 12.09 19.08 -26.52
N ILE A 5 12.60 18.63 -25.38
CA ILE A 5 11.76 18.16 -24.28
C ILE A 5 11.71 19.19 -23.15
N VAL A 6 10.50 19.55 -22.71
CA VAL A 6 10.37 20.44 -21.55
C VAL A 6 9.77 19.57 -20.45
N LYS A 7 10.61 19.21 -19.48
CA LYS A 7 10.20 18.36 -18.36
C LYS A 7 11.32 18.62 -17.36
N THR A 8 11.09 19.62 -16.52
CA THR A 8 12.12 20.08 -15.61
C THR A 8 12.23 19.51 -14.22
N SER A 9 11.11 19.24 -13.59
CA SER A 9 11.23 18.81 -12.23
C SER A 9 10.45 17.69 -11.65
N SER A 10 11.05 17.29 -10.54
CA SER A 10 10.72 16.20 -9.71
C SER A 10 11.65 15.23 -10.39
N MET A 11 12.60 14.72 -9.63
CA MET A 11 13.55 13.77 -10.17
C MET A 11 12.74 12.63 -10.75
N GLY A 12 11.71 12.22 -10.04
CA GLY A 12 10.88 11.12 -10.51
C GLY A 12 10.19 11.43 -11.83
N ASP A 13 9.69 12.64 -11.98
CA ASP A 13 9.03 13.04 -13.22
C ASP A 13 10.05 13.00 -14.36
N VAL A 14 11.27 13.45 -14.09
CA VAL A 14 12.30 13.45 -15.15
C VAL A 14 12.58 12.01 -15.59
N LEU A 15 12.86 11.16 -14.61
CA LEU A 15 13.14 9.75 -14.87
C LEU A 15 11.99 9.02 -15.59
N HIS A 16 10.74 9.31 -15.24
CA HIS A 16 9.59 8.65 -15.87
C HIS A 16 9.44 9.00 -17.34
N THR A 17 10.18 10.01 -17.80
CA THR A 17 10.13 10.45 -19.18
C THR A 17 11.05 9.62 -20.09
N LEU A 18 12.05 8.98 -19.50
CA LEU A 18 13.03 8.20 -20.25
C LEU A 18 12.47 7.14 -21.19
N PRO A 19 11.50 6.32 -20.72
CA PRO A 19 10.96 5.29 -21.62
C PRO A 19 10.37 5.81 -22.93
N ALA A 20 9.84 7.03 -22.91
CA ALA A 20 9.29 7.62 -24.12
C ALA A 20 10.37 7.92 -25.16
N LEU A 21 11.55 8.34 -24.71
CA LEU A 21 12.64 8.62 -25.64
C LEU A 21 13.07 7.28 -26.27
N THR A 22 13.09 6.23 -25.46
CA THR A 22 13.48 4.91 -25.95
C THR A 22 12.51 4.51 -27.08
N ASP A 23 11.21 4.58 -26.82
CA ASP A 23 10.19 4.27 -27.84
C ASP A 23 10.48 5.06 -29.13
N ALA A 24 10.71 6.35 -28.96
CA ALA A 24 10.94 7.23 -30.11
C ALA A 24 12.18 6.89 -30.92
N GLN A 25 13.26 6.57 -30.23
CA GLN A 25 14.50 6.24 -30.90
C GLN A 25 14.32 4.95 -31.68
N GLN A 26 13.47 4.06 -31.18
CA GLN A 26 13.23 2.81 -31.87
C GLN A 26 12.27 2.99 -33.05
N ALA A 27 11.34 3.93 -32.95
CA ALA A 27 10.41 4.17 -34.05
C ALA A 27 10.96 5.12 -35.10
N ILE A 28 11.82 6.03 -34.67
CA ILE A 28 12.41 7.04 -35.55
C ILE A 28 13.94 7.00 -35.50
N PRO A 29 14.55 6.14 -36.33
CA PRO A 29 16.02 6.05 -36.35
C PRO A 29 16.68 7.43 -36.52
N GLY A 30 17.73 7.67 -35.75
CA GLY A 30 18.44 8.93 -35.87
C GLY A 30 17.93 10.10 -35.05
N ILE A 31 16.70 10.00 -34.54
CA ILE A 31 16.13 11.09 -33.76
C ILE A 31 16.98 11.41 -32.52
N LYS A 32 17.10 12.70 -32.22
CA LYS A 32 17.85 13.13 -31.06
C LYS A 32 17.02 14.15 -30.26
N PHE A 33 17.20 14.17 -28.95
CA PHE A 33 16.44 15.08 -28.10
C PHE A 33 17.31 16.05 -27.31
N ASP A 34 16.85 17.28 -27.18
CA ASP A 34 17.53 18.23 -26.34
C ASP A 34 16.56 18.24 -25.16
N TRP A 35 17.01 18.64 -23.98
CA TRP A 35 16.13 18.56 -22.81
C TRP A 35 16.34 19.67 -21.79
N VAL A 36 15.27 20.43 -21.52
CA VAL A 36 15.33 21.50 -20.53
C VAL A 36 14.96 20.85 -19.19
N VAL A 37 15.89 20.88 -18.25
CA VAL A 37 15.69 20.22 -16.96
C VAL A 37 16.28 21.05 -15.83
N GLU A 38 15.73 20.92 -14.62
CA GLU A 38 16.26 21.64 -13.44
C GLU A 38 17.72 21.23 -13.26
N GLU A 39 18.57 22.19 -12.88
CA GLU A 39 19.99 21.94 -12.70
C GLU A 39 20.33 20.74 -11.82
N GLY A 40 19.58 20.54 -10.73
CA GLY A 40 19.85 19.42 -9.86
C GLY A 40 19.68 18.06 -10.51
N PHE A 41 18.98 18.00 -11.64
CA PHE A 41 18.75 16.72 -12.33
C PHE A 41 19.38 16.67 -13.71
N ALA A 42 20.18 17.68 -14.02
CA ALA A 42 20.82 17.76 -15.33
C ALA A 42 21.60 16.53 -15.82
N GLN A 43 22.16 15.75 -14.91
CA GLN A 43 22.93 14.58 -15.36
C GLN A 43 22.04 13.46 -15.89
N ILE A 44 20.81 13.38 -15.40
CA ILE A 44 19.93 12.29 -15.82
C ILE A 44 19.72 12.14 -17.32
N PRO A 45 19.32 13.21 -18.03
CA PRO A 45 19.13 13.08 -19.47
C PRO A 45 20.39 12.65 -20.24
N SER A 46 21.56 13.06 -19.77
CA SER A 46 22.82 12.72 -20.44
C SER A 46 23.12 11.23 -20.46
N TRP A 47 22.44 10.46 -19.61
CA TRP A 47 22.68 9.03 -19.58
C TRP A 47 21.95 8.28 -20.69
N HIS A 48 20.98 8.92 -21.32
CA HIS A 48 20.22 8.26 -22.38
C HIS A 48 20.88 8.50 -23.75
N ALA A 49 20.99 7.43 -24.54
CA ALA A 49 21.65 7.53 -25.86
C ALA A 49 21.03 8.54 -26.85
N ALA A 50 19.72 8.75 -26.77
CA ALA A 50 19.02 9.66 -27.67
C ALA A 50 19.11 11.14 -27.31
N VAL A 51 19.75 11.48 -26.21
CA VAL A 51 19.84 12.87 -25.80
C VAL A 51 21.11 13.56 -26.26
N GLU A 52 20.94 14.78 -26.80
CA GLU A 52 22.09 15.56 -27.26
C GLU A 52 22.38 16.66 -26.26
N ARG A 53 21.73 17.81 -26.42
CA ARG A 53 21.96 18.94 -25.52
C ARG A 53 21.04 18.99 -24.31
N VAL A 54 21.65 19.21 -23.14
CA VAL A 54 20.89 19.34 -21.90
C VAL A 54 20.93 20.83 -21.58
N ILE A 55 19.76 21.44 -21.40
CA ILE A 55 19.68 22.88 -21.11
C ILE A 55 19.12 23.06 -19.71
N PRO A 56 19.99 23.30 -18.71
CA PRO A 56 19.55 23.48 -17.33
C PRO A 56 18.86 24.78 -16.96
N VAL A 57 17.87 24.67 -16.09
CA VAL A 57 17.14 25.82 -15.57
C VAL A 57 17.17 25.68 -14.05
N ALA A 58 16.85 26.77 -13.36
CA ALA A 58 16.83 26.78 -11.91
C ALA A 58 15.73 27.77 -11.53
N ILE A 59 14.51 27.44 -11.91
CA ILE A 59 13.36 28.29 -11.66
C ILE A 59 13.21 28.78 -10.22
N ARG A 60 13.18 27.86 -9.26
CA ARG A 60 13.00 28.24 -7.86
C ARG A 60 14.13 29.11 -7.34
N ARG A 61 15.37 28.76 -7.69
CA ARG A 61 16.50 29.53 -7.24
C ARG A 61 16.49 30.92 -7.88
N TRP A 62 16.25 30.96 -9.18
CA TRP A 62 16.19 32.23 -9.89
C TRP A 62 15.07 33.10 -9.33
N ARG A 63 13.91 32.49 -9.09
CA ARG A 63 12.74 33.20 -8.57
C ARG A 63 13.04 34.03 -7.32
N LYS A 64 14.08 33.64 -6.58
CA LYS A 64 14.47 34.38 -5.38
C LYS A 64 15.59 35.34 -5.78
N ALA A 65 15.23 36.42 -6.46
CA ALA A 65 16.16 37.46 -6.95
C ALA A 65 16.19 37.41 -8.46
N TRP A 66 15.02 37.30 -9.06
CA TRP A 66 14.86 37.20 -10.50
C TRP A 66 15.58 38.25 -11.35
N PHE A 67 15.50 39.52 -10.96
CA PHE A 67 16.13 40.58 -11.75
C PHE A 67 17.50 41.06 -11.30
N SER A 68 18.15 40.31 -10.40
CA SER A 68 19.48 40.70 -9.95
C SER A 68 20.45 40.41 -11.10
N ALA A 69 21.51 41.21 -11.22
CA ALA A 69 22.48 41.04 -12.29
C ALA A 69 22.94 39.60 -12.49
N PRO A 70 23.35 38.91 -11.40
CA PRO A 70 23.80 37.53 -11.53
C PRO A 70 22.77 36.61 -12.18
N ILE A 71 21.57 36.56 -11.61
CA ILE A 71 20.51 35.73 -12.15
C ILE A 71 20.13 36.20 -13.56
N LYS A 72 20.06 37.51 -13.73
CA LYS A 72 19.74 38.10 -15.02
C LYS A 72 20.67 37.51 -16.07
N ALA A 73 21.95 37.39 -15.73
CA ALA A 73 22.95 36.84 -16.63
C ALA A 73 22.66 35.38 -16.90
N GLU A 74 22.35 34.63 -15.84
CA GLU A 74 22.05 33.21 -16.00
C GLU A 74 20.86 33.00 -16.93
N ARG A 75 19.77 33.72 -16.66
CA ARG A 75 18.57 33.62 -17.46
C ARG A 75 18.81 33.98 -18.93
N LYS A 76 19.63 34.99 -19.17
CA LYS A 76 19.93 35.40 -20.55
C LYS A 76 20.65 34.26 -21.24
N ALA A 77 21.61 33.65 -20.56
CA ALA A 77 22.37 32.55 -21.12
C ALA A 77 21.41 31.39 -21.42
N PHE A 78 20.44 31.19 -20.54
CA PHE A 78 19.43 30.15 -20.71
C PHE A 78 18.55 30.39 -21.93
N ARG A 79 17.98 31.59 -22.05
CA ARG A 79 17.12 31.89 -23.19
C ARG A 79 17.87 31.75 -24.52
N GLU A 80 19.13 32.14 -24.53
CA GLU A 80 19.92 32.05 -25.75
C GLU A 80 20.15 30.58 -26.12
N ALA A 81 20.38 29.75 -25.12
CA ALA A 81 20.60 28.32 -25.35
C ALA A 81 19.30 27.69 -25.84
N LEU A 82 18.21 28.00 -25.15
CA LEU A 82 16.89 27.49 -25.50
C LEU A 82 16.45 27.84 -26.93
N GLN A 83 16.70 29.07 -27.36
CA GLN A 83 16.27 29.50 -28.69
C GLN A 83 17.28 29.32 -29.84
N ALA A 84 18.45 28.75 -29.52
CA ALA A 84 19.48 28.55 -30.53
C ALA A 84 19.05 27.67 -31.70
N LYS A 85 18.42 26.55 -31.41
CA LYS A 85 18.00 25.65 -32.47
C LYS A 85 16.51 25.69 -32.84
N ASN A 86 16.22 25.42 -34.12
CA ASN A 86 14.85 25.35 -34.58
C ASN A 86 14.50 23.88 -34.59
N TYR A 87 13.63 23.48 -33.67
CA TYR A 87 13.24 22.09 -33.52
C TYR A 87 12.10 21.60 -34.41
N ASP A 88 12.13 20.30 -34.70
CA ASP A 88 11.08 19.69 -35.51
C ASP A 88 9.83 19.57 -34.64
N ALA A 89 10.04 19.55 -33.33
CA ALA A 89 8.94 19.48 -32.38
C ALA A 89 9.45 19.82 -30.99
N VAL A 90 8.58 20.42 -30.20
CA VAL A 90 8.91 20.74 -28.82
C VAL A 90 7.80 20.00 -28.06
N ILE A 91 8.19 19.15 -27.12
CA ILE A 91 7.19 18.40 -26.38
C ILE A 91 7.26 18.80 -24.91
N ASP A 92 6.18 19.40 -24.44
CA ASP A 92 6.08 19.83 -23.06
C ASP A 92 5.39 18.64 -22.38
N ALA A 93 6.14 17.87 -21.59
CA ALA A 93 5.54 16.73 -20.90
C ALA A 93 5.29 17.07 -19.44
N GLN A 94 5.36 18.37 -19.14
CA GLN A 94 5.16 18.84 -17.77
C GLN A 94 3.72 19.31 -17.54
N GLY A 95 3.20 20.10 -18.47
CA GLY A 95 1.82 20.56 -18.35
C GLY A 95 1.52 21.53 -17.23
N LEU A 96 2.50 22.37 -16.89
CA LEU A 96 2.32 23.39 -15.86
C LEU A 96 2.43 24.74 -16.53
N VAL A 97 1.61 25.71 -16.11
CA VAL A 97 1.65 27.02 -16.73
C VAL A 97 3.03 27.68 -16.57
N LYS A 98 3.60 27.57 -15.38
CA LYS A 98 4.90 28.18 -15.12
C LYS A 98 5.97 27.79 -16.13
N SER A 99 6.18 26.50 -16.32
CA SER A 99 7.20 26.07 -17.29
C SER A 99 6.77 26.29 -18.73
N ALA A 100 5.46 26.23 -18.99
CA ALA A 100 4.96 26.45 -20.35
C ALA A 100 5.16 27.92 -20.77
N ALA A 101 4.99 28.86 -19.84
CA ALA A 101 5.15 30.27 -20.17
C ALA A 101 6.62 30.72 -20.17
N LEU A 102 7.43 30.13 -19.31
CA LEU A 102 8.84 30.51 -19.24
C LEU A 102 9.73 29.74 -20.20
N VAL A 103 9.36 28.51 -20.55
CA VAL A 103 10.17 27.70 -21.44
C VAL A 103 9.52 27.35 -22.77
N THR A 104 8.46 26.55 -22.71
CA THR A 104 7.80 26.10 -23.92
C THR A 104 7.47 27.21 -24.92
N ARG A 105 6.88 28.28 -24.40
CA ARG A 105 6.48 29.44 -25.21
C ARG A 105 7.62 30.06 -26.00
N LEU A 106 8.84 30.00 -25.46
CA LEU A 106 9.99 30.61 -26.09
C LEU A 106 10.80 29.76 -27.07
N ALA A 107 10.55 28.44 -27.09
CA ALA A 107 11.28 27.55 -27.99
C ALA A 107 10.82 27.72 -29.45
N HIS A 108 11.73 27.42 -30.38
CA HIS A 108 11.41 27.53 -31.80
C HIS A 108 11.02 26.14 -32.33
N GLY A 109 9.79 26.01 -32.79
CA GLY A 109 9.31 24.75 -33.32
C GLY A 109 7.87 24.48 -32.92
N VAL A 110 7.20 23.56 -33.61
CA VAL A 110 5.82 23.25 -33.28
C VAL A 110 5.79 22.70 -31.85
N LYS A 111 4.94 23.29 -30.99
CA LYS A 111 4.85 22.89 -29.59
C LYS A 111 3.69 21.95 -29.30
N HIS A 112 4.04 20.83 -28.69
CA HIS A 112 3.08 19.80 -28.34
C HIS A 112 2.96 19.65 -26.83
N GLY A 113 1.74 19.35 -26.37
CA GLY A 113 1.54 19.18 -24.94
C GLY A 113 0.17 18.59 -24.65
N MET A 114 -0.16 18.42 -23.38
CA MET A 114 -1.46 17.86 -23.04
C MET A 114 -2.56 18.91 -23.22
N ASP A 115 -3.75 18.44 -23.58
CA ASP A 115 -4.86 19.35 -23.80
C ASP A 115 -5.50 19.85 -22.50
N TRP A 116 -6.48 20.73 -22.63
CA TRP A 116 -7.18 21.31 -21.48
C TRP A 116 -7.75 20.23 -20.54
N GLN A 117 -8.26 19.14 -21.11
CA GLN A 117 -8.84 18.09 -20.29
C GLN A 117 -7.81 17.26 -19.51
N THR A 118 -6.60 17.14 -20.04
CA THR A 118 -5.62 16.29 -19.38
C THR A 118 -4.32 16.89 -18.83
N ALA A 119 -4.04 18.15 -19.12
CA ALA A 119 -2.85 18.79 -18.58
C ALA A 119 -2.98 18.95 -17.06
N ARG A 120 -1.86 18.90 -16.34
CA ARG A 120 -1.88 19.05 -14.88
C ARG A 120 -2.62 20.35 -14.55
N GLU A 121 -2.30 21.41 -15.29
CA GLU A 121 -2.97 22.70 -15.14
C GLU A 121 -3.55 23.01 -16.52
N PRO A 122 -4.89 22.88 -16.67
CA PRO A 122 -5.62 23.14 -17.91
C PRO A 122 -5.14 24.32 -18.75
N LEU A 123 -4.93 25.47 -18.11
CA LEU A 123 -4.46 26.65 -18.83
C LEU A 123 -3.14 26.44 -19.58
N ALA A 124 -2.34 25.48 -19.14
CA ALA A 124 -1.06 25.21 -19.79
C ALA A 124 -1.26 24.84 -21.25
N SER A 125 -2.41 24.22 -21.54
CA SER A 125 -2.74 23.80 -22.90
C SER A 125 -2.74 24.96 -23.90
N LEU A 126 -3.02 26.18 -23.43
CA LEU A 126 -3.08 27.32 -24.34
C LEU A 126 -1.75 27.72 -24.97
N PHE A 127 -0.64 27.24 -24.41
CA PHE A 127 0.67 27.58 -24.94
C PHE A 127 1.20 26.62 -26.00
N TYR A 128 0.39 25.63 -26.36
CA TYR A 128 0.80 24.63 -27.34
C TYR A 128 0.11 24.79 -28.68
N ASN A 129 0.80 24.37 -29.75
CA ASN A 129 0.22 24.40 -31.09
C ASN A 129 -0.61 23.13 -31.27
N ARG A 130 -0.14 22.03 -30.67
CA ARG A 130 -0.81 20.74 -30.77
C ARG A 130 -1.18 20.24 -29.38
N LYS A 131 -2.49 20.18 -29.10
CA LYS A 131 -2.99 19.69 -27.81
C LYS A 131 -3.42 18.23 -27.95
N HIS A 132 -2.80 17.35 -27.17
CA HIS A 132 -3.10 15.92 -27.23
C HIS A 132 -3.83 15.46 -25.98
N HIS A 133 -4.87 14.65 -26.16
CA HIS A 133 -5.62 14.13 -25.01
C HIS A 133 -4.90 12.88 -24.47
N ILE A 134 -4.39 12.96 -23.25
CA ILE A 134 -3.68 11.83 -22.65
C ILE A 134 -4.40 11.41 -21.38
N ALA A 135 -5.09 10.28 -21.44
CA ALA A 135 -5.85 9.76 -20.30
C ALA A 135 -5.06 9.85 -19.00
N LYS A 136 -5.69 10.46 -17.99
CA LYS A 136 -5.10 10.67 -16.67
C LYS A 136 -4.92 9.42 -15.82
N GLN A 137 -5.77 8.43 -16.03
CA GLN A 137 -5.72 7.23 -15.21
C GLN A 137 -4.81 6.11 -15.71
N GLN A 138 -3.50 6.35 -15.67
CA GLN A 138 -2.50 5.37 -16.07
C GLN A 138 -1.17 5.87 -15.51
N HIS A 139 -0.14 5.02 -15.46
CA HIS A 139 1.12 5.46 -14.87
C HIS A 139 1.72 6.62 -15.63
N ALA A 140 2.38 7.51 -14.90
CA ALA A 140 3.02 8.67 -15.52
C ALA A 140 3.90 8.26 -16.71
N VAL A 141 4.61 7.13 -16.57
CA VAL A 141 5.47 6.65 -17.66
C VAL A 141 4.67 6.41 -18.94
N GLU A 142 3.54 5.72 -18.81
CA GLU A 142 2.70 5.44 -19.97
C GLU A 142 2.10 6.72 -20.55
N ARG A 143 1.73 7.66 -19.68
CA ARG A 143 1.16 8.91 -20.17
C ARG A 143 2.18 9.65 -21.04
N THR A 144 3.43 9.69 -20.60
CA THR A 144 4.45 10.39 -21.37
C THR A 144 4.77 9.62 -22.65
N ARG A 145 4.73 8.29 -22.58
CA ARG A 145 4.97 7.48 -23.78
C ARG A 145 3.89 7.79 -24.80
N GLU A 146 2.66 7.93 -24.33
CA GLU A 146 1.52 8.22 -25.21
C GLU A 146 1.67 9.59 -25.85
N LEU A 147 2.13 10.54 -25.04
CA LEU A 147 2.32 11.90 -25.52
C LEU A 147 3.37 11.97 -26.63
N PHE A 148 4.48 11.29 -26.43
CA PHE A 148 5.55 11.29 -27.42
C PHE A 148 5.06 10.64 -28.70
N ALA A 149 4.36 9.50 -28.57
CA ALA A 149 3.84 8.78 -29.73
C ALA A 149 2.86 9.64 -30.52
N LYS A 150 1.97 10.31 -29.81
CA LYS A 150 1.00 11.15 -30.50
C LYS A 150 1.66 12.38 -31.12
N SER A 151 2.65 12.95 -30.45
CA SER A 151 3.36 14.13 -30.96
C SER A 151 4.25 13.83 -32.15
N LEU A 152 4.81 12.61 -32.19
CA LEU A 152 5.76 12.25 -33.23
C LEU A 152 5.27 11.34 -34.35
N GLY A 153 4.02 10.93 -34.29
CA GLY A 153 3.46 10.12 -35.35
C GLY A 153 3.72 8.62 -35.38
N TYR A 154 3.78 7.97 -34.22
CA TYR A 154 3.96 6.53 -34.17
C TYR A 154 3.05 5.97 -33.08
N SER A 155 2.76 4.68 -33.16
CA SER A 155 1.89 4.05 -32.17
C SER A 155 2.74 3.64 -30.97
N LYS A 156 2.23 3.89 -29.77
CA LYS A 156 2.96 3.52 -28.57
C LYS A 156 3.11 2.00 -28.52
N PRO A 157 4.34 1.50 -28.32
CA PRO A 157 4.58 0.05 -28.25
C PRO A 157 3.81 -0.55 -27.08
N GLN A 158 3.39 -1.80 -27.25
CA GLN A 158 2.63 -2.49 -26.20
C GLN A 158 3.52 -3.09 -25.12
N THR A 159 4.83 -3.04 -25.34
CA THR A 159 5.79 -3.60 -24.40
C THR A 159 6.13 -2.66 -23.25
N GLN A 160 6.65 -3.26 -22.19
CA GLN A 160 7.06 -2.54 -21.00
C GLN A 160 8.04 -1.41 -21.37
N GLY A 161 7.83 -0.22 -20.81
CA GLY A 161 8.74 0.87 -21.09
C GLY A 161 10.16 0.57 -20.63
N ASP A 162 11.15 1.05 -21.37
CA ASP A 162 12.54 0.83 -21.02
C ASP A 162 13.25 2.17 -20.85
N TYR A 163 13.73 2.45 -19.64
CA TYR A 163 14.41 3.71 -19.31
C TYR A 163 15.70 3.83 -20.11
N ALA A 164 16.33 2.69 -20.35
CA ALA A 164 17.57 2.64 -21.11
C ALA A 164 18.71 3.53 -20.62
N ILE A 165 18.92 3.59 -19.31
CA ILE A 165 20.05 4.36 -18.80
C ILE A 165 20.99 3.42 -18.06
N ALA A 166 20.54 2.20 -17.77
CA ALA A 166 21.40 1.27 -17.07
C ALA A 166 22.67 1.02 -17.88
N GLN A 167 22.53 0.92 -19.20
CA GLN A 167 23.71 0.67 -20.04
C GLN A 167 24.83 1.67 -19.85
N HIS A 168 24.47 2.87 -19.42
CA HIS A 168 25.46 3.91 -19.18
C HIS A 168 26.38 3.52 -18.04
N PHE A 169 25.87 2.75 -17.08
CA PHE A 169 26.66 2.34 -15.92
C PHE A 169 27.24 0.94 -15.94
N LEU A 170 26.61 0.04 -16.68
CA LEU A 170 27.06 -1.35 -16.73
C LEU A 170 28.52 -1.47 -17.18
N THR A 171 28.95 -0.50 -17.99
CA THR A 171 30.32 -0.44 -18.51
C THR A 171 31.34 -0.21 -17.38
N ASN A 172 30.93 0.49 -16.33
CA ASN A 172 31.83 0.79 -15.22
C ASN A 172 31.17 0.63 -13.85
N LEU A 173 30.66 -0.56 -13.58
CA LEU A 173 30.02 -0.84 -12.30
C LEU A 173 31.05 -0.96 -11.19
N PRO A 174 30.66 -0.67 -9.93
CA PRO A 174 31.59 -0.77 -8.82
C PRO A 174 32.19 -2.17 -8.81
N THR A 175 33.41 -2.30 -8.31
CA THR A 175 34.08 -3.59 -8.27
C THR A 175 33.31 -4.60 -7.40
N ASP A 176 32.56 -4.10 -6.42
CA ASP A 176 31.79 -4.98 -5.55
C ASP A 176 30.30 -5.09 -5.92
N ALA A 177 29.96 -4.88 -7.19
CA ALA A 177 28.57 -4.98 -7.63
C ALA A 177 27.97 -6.34 -7.28
N GLY A 178 26.79 -6.33 -6.68
CA GLY A 178 26.12 -7.56 -6.32
C GLY A 178 26.44 -8.06 -4.92
N GLU A 179 27.44 -7.47 -4.28
CA GLU A 179 27.82 -7.87 -2.93
C GLU A 179 27.07 -7.09 -1.86
N TYR A 180 26.31 -6.08 -2.27
CA TYR A 180 25.63 -5.24 -1.30
C TYR A 180 24.23 -4.84 -1.71
N ALA A 181 23.49 -4.30 -0.73
CA ALA A 181 22.15 -3.79 -0.95
C ALA A 181 22.27 -2.33 -0.54
N VAL A 182 21.35 -1.50 -1.00
CA VAL A 182 21.36 -0.09 -0.62
C VAL A 182 20.03 0.18 0.06
N PHE A 183 20.07 0.88 1.19
CA PHE A 183 18.85 1.24 1.90
C PHE A 183 18.68 2.76 1.76
N LEU A 184 17.57 3.16 1.14
CA LEU A 184 17.29 4.56 0.93
C LEU A 184 16.31 4.98 2.02
N HIS A 185 16.83 5.73 2.99
CA HIS A 185 16.04 6.13 4.15
C HIS A 185 15.54 7.56 4.12
N ALA A 186 16.16 8.39 3.28
CA ALA A 186 15.81 9.80 3.22
C ALA A 186 14.68 10.18 2.30
N THR A 187 13.77 10.99 2.82
CA THR A 187 12.67 11.48 2.01
C THR A 187 12.26 12.88 2.47
N THR A 188 11.16 13.39 1.91
CA THR A 188 10.69 14.76 2.12
C THR A 188 9.70 15.08 3.23
N ARG A 189 9.19 14.07 3.89
CA ARG A 189 8.20 14.30 4.92
C ARG A 189 8.27 13.33 6.09
N ASP A 190 8.14 13.86 7.30
CA ASP A 190 8.20 13.07 8.51
C ASP A 190 7.48 11.71 8.43
N ASP A 191 6.20 11.73 8.11
CA ASP A 191 5.41 10.49 8.04
C ASP A 191 5.79 9.54 6.90
N LYS A 192 6.55 10.00 5.92
CA LYS A 192 6.97 9.14 4.81
C LYS A 192 8.21 8.32 5.17
N HIS A 193 8.82 8.64 6.30
CA HIS A 193 10.02 7.92 6.74
C HIS A 193 9.65 6.66 7.50
N TRP A 194 10.52 5.65 7.43
CA TRP A 194 10.32 4.41 8.17
C TRP A 194 11.18 4.65 9.44
N PRO A 195 10.57 4.54 10.64
CA PRO A 195 11.32 4.78 11.87
C PRO A 195 12.71 4.13 11.91
N GLU A 196 13.71 4.89 12.35
CA GLU A 196 15.09 4.37 12.42
C GLU A 196 15.14 3.05 13.17
N GLU A 197 14.35 2.95 14.23
CA GLU A 197 14.29 1.72 15.02
C GLU A 197 14.02 0.52 14.13
N HIS A 198 13.10 0.68 13.18
CA HIS A 198 12.76 -0.42 12.29
C HIS A 198 13.87 -0.70 11.29
N TRP A 199 14.47 0.36 10.74
CA TRP A 199 15.58 0.19 9.80
C TRP A 199 16.67 -0.61 10.49
N ARG A 200 17.02 -0.22 11.71
CA ARG A 200 18.06 -0.93 12.46
C ARG A 200 17.72 -2.40 12.67
N GLU A 201 16.46 -2.67 12.98
CA GLU A 201 16.03 -4.05 13.18
C GLU A 201 16.16 -4.86 11.91
N LEU A 202 15.78 -4.25 10.77
CA LEU A 202 15.88 -4.95 9.49
C LEU A 202 17.36 -5.26 9.24
N ILE A 203 18.22 -4.29 9.52
CA ILE A 203 19.65 -4.47 9.33
C ILE A 203 20.12 -5.63 10.22
N GLY A 204 19.65 -5.63 11.46
CA GLY A 204 20.03 -6.69 12.38
C GLY A 204 19.66 -8.07 11.86
N LEU A 205 18.49 -8.18 11.23
CA LEU A 205 18.00 -9.43 10.68
C LEU A 205 18.85 -10.00 9.56
N LEU A 206 19.66 -9.14 8.93
CA LEU A 206 20.49 -9.58 7.83
C LEU A 206 21.94 -9.80 8.25
N ALA A 207 22.20 -9.61 9.54
CA ALA A 207 23.54 -9.76 10.10
C ALA A 207 24.30 -11.00 9.61
N ASP A 208 23.70 -12.18 9.75
CA ASP A 208 24.39 -13.40 9.32
C ASP A 208 24.26 -13.80 7.86
N SER A 209 23.55 -13.01 7.06
CA SER A 209 23.38 -13.33 5.63
C SER A 209 24.69 -13.31 4.85
N GLY A 210 25.52 -12.31 5.13
CA GLY A 210 26.79 -12.19 4.43
C GLY A 210 26.73 -11.02 3.48
N ILE A 211 25.58 -10.36 3.48
CA ILE A 211 25.34 -9.20 2.62
C ILE A 211 25.85 -7.92 3.27
N ARG A 212 26.33 -6.98 2.46
CA ARG A 212 26.78 -5.71 2.98
C ARG A 212 25.69 -4.70 2.60
N ILE A 213 25.54 -3.67 3.42
CA ILE A 213 24.52 -2.65 3.18
C ILE A 213 25.16 -1.26 3.14
N LYS A 214 24.83 -0.46 2.11
CA LYS A 214 25.38 0.88 1.97
C LYS A 214 24.29 1.91 2.14
N LEU A 215 24.59 2.97 2.89
CA LEU A 215 23.62 4.03 3.15
C LEU A 215 24.06 5.39 2.63
N PRO A 216 23.24 5.98 1.73
CA PRO A 216 23.52 7.30 1.13
C PRO A 216 23.05 8.43 2.04
N TRP A 217 23.51 9.64 1.74
CA TRP A 217 23.12 10.83 2.47
C TRP A 217 23.46 12.00 1.55
N GLY A 218 22.71 13.10 1.67
CA GLY A 218 22.98 14.24 0.82
C GLY A 218 22.90 15.52 1.60
N ALA A 219 22.47 15.43 2.85
CA ALA A 219 22.36 16.57 3.73
C ALA A 219 22.81 16.13 5.12
N PRO A 220 23.30 17.07 5.93
CA PRO A 220 23.76 16.74 7.28
C PRO A 220 22.80 15.91 8.11
N HIS A 221 21.51 16.26 8.10
CA HIS A 221 20.58 15.49 8.92
C HIS A 221 20.47 14.07 8.41
N GLU A 222 20.68 13.89 7.11
CA GLU A 222 20.61 12.57 6.51
C GLU A 222 21.84 11.75 6.89
N GLU A 223 23.00 12.41 6.93
CA GLU A 223 24.21 11.69 7.30
C GLU A 223 24.12 11.26 8.74
N GLU A 224 23.60 12.13 9.60
CA GLU A 224 23.45 11.83 11.01
C GLU A 224 22.58 10.59 11.20
N ARG A 225 21.49 10.50 10.45
CA ARG A 225 20.63 9.33 10.58
C ARG A 225 21.37 8.09 10.06
N ALA A 226 22.04 8.23 8.91
CA ALA A 226 22.79 7.13 8.32
C ALA A 226 23.78 6.55 9.32
N LYS A 227 24.50 7.42 10.01
CA LYS A 227 25.47 6.98 11.01
C LYS A 227 24.78 6.23 12.13
N ARG A 228 23.61 6.73 12.57
CA ARG A 228 22.88 6.05 13.65
C ARG A 228 22.42 4.67 13.22
N LEU A 229 22.03 4.52 11.96
CA LEU A 229 21.57 3.23 11.45
C LEU A 229 22.72 2.24 11.33
N ALA A 230 23.89 2.73 10.92
CA ALA A 230 25.05 1.86 10.73
C ALA A 230 25.78 1.52 12.03
N GLU A 231 25.49 2.27 13.09
CA GLU A 231 26.13 2.06 14.38
C GLU A 231 26.03 0.64 14.91
N GLY A 232 27.18 -0.03 15.02
CA GLY A 232 27.21 -1.38 15.54
C GLY A 232 27.23 -2.52 14.54
N PHE A 233 27.02 -2.20 13.25
CA PHE A 233 27.00 -3.23 12.22
C PHE A 233 28.20 -3.09 11.28
N ALA A 234 29.12 -4.04 11.38
CA ALA A 234 30.33 -4.03 10.56
C ALA A 234 30.06 -4.16 9.07
N TYR A 235 28.94 -4.78 8.71
CA TYR A 235 28.61 -4.98 7.30
C TYR A 235 27.84 -3.83 6.68
N VAL A 236 27.66 -2.76 7.45
CA VAL A 236 26.96 -1.58 6.96
C VAL A 236 27.96 -0.44 6.77
N GLU A 237 27.83 0.27 5.66
CA GLU A 237 28.73 1.36 5.37
C GLU A 237 27.96 2.61 4.99
N VAL A 238 28.42 3.75 5.49
CA VAL A 238 27.80 5.02 5.15
C VAL A 238 28.67 5.54 4.01
N LEU A 239 28.04 5.76 2.87
CA LEU A 239 28.71 6.25 1.67
C LEU A 239 29.23 7.67 1.87
N PRO A 240 30.22 8.07 1.08
CA PRO A 240 30.75 9.43 1.18
C PRO A 240 29.74 10.28 0.43
N LYS A 241 29.81 11.60 0.54
CA LYS A 241 28.86 12.42 -0.19
C LYS A 241 29.23 12.28 -1.67
N MET A 242 28.23 12.26 -2.55
CA MET A 242 28.51 12.14 -3.98
C MET A 242 27.50 12.83 -4.88
N SER A 243 27.81 12.90 -6.16
CA SER A 243 26.93 13.51 -7.14
C SER A 243 25.80 12.53 -7.40
N LEU A 244 24.82 12.97 -8.19
CA LEU A 244 23.68 12.13 -8.53
C LEU A 244 24.20 10.96 -9.38
N GLU A 245 25.13 11.25 -10.27
CA GLU A 245 25.71 10.23 -11.12
C GLU A 245 26.47 9.24 -10.24
N GLY A 246 27.11 9.76 -9.20
CA GLY A 246 27.86 8.92 -8.28
C GLY A 246 26.95 7.95 -7.54
N VAL A 247 25.84 8.45 -7.00
CA VAL A 247 24.93 7.55 -6.27
C VAL A 247 24.24 6.60 -7.25
N ALA A 248 23.98 7.07 -8.47
CA ALA A 248 23.37 6.21 -9.50
C ALA A 248 24.29 4.99 -9.75
N ARG A 249 25.60 5.24 -9.77
CA ARG A 249 26.54 4.15 -10.00
C ARG A 249 26.48 3.16 -8.84
N VAL A 250 26.38 3.68 -7.61
CA VAL A 250 26.31 2.81 -6.45
C VAL A 250 25.03 1.99 -6.57
N LEU A 251 23.93 2.66 -6.91
CA LEU A 251 22.65 1.96 -7.05
C LEU A 251 22.72 0.90 -8.16
N ALA A 252 23.37 1.25 -9.27
CA ALA A 252 23.52 0.33 -10.38
C ALA A 252 24.19 -0.98 -9.94
N GLY A 253 25.09 -0.88 -8.96
CA GLY A 253 25.79 -2.06 -8.46
C GLY A 253 25.12 -2.78 -7.30
N ALA A 254 23.96 -2.31 -6.86
CA ALA A 254 23.28 -2.97 -5.75
C ALA A 254 22.50 -4.19 -6.20
N LYS A 255 22.57 -5.26 -5.43
CA LYS A 255 21.84 -6.49 -5.75
C LYS A 255 20.35 -6.18 -5.63
N PHE A 256 20.00 -5.39 -4.61
CA PHE A 256 18.62 -4.96 -4.42
C PHE A 256 18.63 -3.73 -3.51
N VAL A 257 17.48 -3.09 -3.42
CA VAL A 257 17.35 -1.88 -2.64
C VAL A 257 16.08 -1.94 -1.84
N VAL A 258 16.10 -1.31 -0.68
CA VAL A 258 14.91 -1.19 0.16
C VAL A 258 14.86 0.33 0.33
N SER A 259 13.68 0.89 0.11
CA SER A 259 13.54 2.35 0.16
C SER A 259 12.19 2.87 0.60
N VAL A 260 12.17 4.15 0.92
CA VAL A 260 10.93 4.84 1.25
C VAL A 260 10.56 5.54 -0.07
N ASP A 261 9.36 6.11 -0.12
CA ASP A 261 8.90 6.84 -1.31
C ASP A 261 9.75 8.11 -1.41
N THR A 262 10.75 8.09 -2.29
CA THR A 262 11.65 9.23 -2.44
C THR A 262 12.26 9.26 -3.84
N GLY A 263 12.85 10.40 -4.22
CA GLY A 263 13.43 10.50 -5.55
C GLY A 263 14.36 9.36 -5.96
N LEU A 264 15.30 9.01 -5.09
CA LEU A 264 16.25 7.93 -5.40
C LEU A 264 15.60 6.56 -5.57
N SER A 265 14.36 6.41 -5.12
CA SER A 265 13.69 5.13 -5.32
C SER A 265 13.30 5.05 -6.80
N HIS A 266 12.89 6.19 -7.36
CA HIS A 266 12.56 6.26 -8.79
C HIS A 266 13.84 6.08 -9.61
N LEU A 267 14.97 6.54 -9.10
CA LEU A 267 16.24 6.37 -9.83
C LEU A 267 16.59 4.87 -9.86
N THR A 268 16.42 4.23 -8.71
CA THR A 268 16.66 2.79 -8.59
C THR A 268 15.82 2.05 -9.63
N ALA A 269 14.55 2.44 -9.75
CA ALA A 269 13.66 1.80 -10.73
C ALA A 269 14.17 2.02 -12.16
N ALA A 270 14.64 3.23 -12.44
CA ALA A 270 15.12 3.57 -13.78
C ALA A 270 16.36 2.79 -14.16
N LEU A 271 17.10 2.34 -13.15
CA LEU A 271 18.32 1.57 -13.37
C LEU A 271 18.01 0.06 -13.38
N ASP A 272 16.73 -0.27 -13.37
CA ASP A 272 16.28 -1.67 -13.39
C ASP A 272 16.72 -2.50 -12.18
N ARG A 273 16.96 -1.86 -11.03
CA ARG A 273 17.40 -2.64 -9.87
C ARG A 273 16.20 -3.06 -9.00
N PRO A 274 16.19 -4.33 -8.54
CA PRO A 274 15.11 -4.85 -7.69
C PRO A 274 14.97 -3.91 -6.50
N ASN A 275 13.74 -3.51 -6.21
CA ASN A 275 13.55 -2.53 -5.16
C ASN A 275 12.26 -2.74 -4.40
N ILE A 276 12.36 -2.77 -3.07
CA ILE A 276 11.19 -2.88 -2.22
C ILE A 276 10.96 -1.48 -1.64
N THR A 277 9.91 -0.79 -2.08
CA THR A 277 9.62 0.53 -1.55
C THR A 277 8.51 0.40 -0.52
N VAL A 278 8.72 1.00 0.65
CA VAL A 278 7.71 0.95 1.72
C VAL A 278 6.89 2.24 1.73
N TYR A 279 5.57 2.08 1.68
CA TYR A 279 4.67 3.24 1.65
C TYR A 279 3.81 3.37 2.89
N GLY A 280 3.53 4.63 3.24
CA GLY A 280 2.68 4.93 4.37
C GLY A 280 1.62 5.89 3.87
N PRO A 281 1.79 7.21 4.10
CA PRO A 281 0.88 8.30 3.71
C PRO A 281 0.64 8.48 2.21
N THR A 282 1.60 8.03 1.38
CA THR A 282 1.44 8.16 -0.07
C THR A 282 1.02 6.82 -0.67
N ASP A 283 0.20 6.89 -1.70
CA ASP A 283 -0.37 5.71 -2.36
C ASP A 283 0.45 5.25 -3.57
N PRO A 284 1.00 4.03 -3.52
CA PRO A 284 1.80 3.50 -4.63
C PRO A 284 1.00 3.39 -5.93
N GLY A 285 -0.32 3.21 -5.80
CA GLY A 285 -1.15 3.12 -6.98
C GLY A 285 -1.17 4.43 -7.72
N LEU A 286 -0.95 5.53 -6.99
CA LEU A 286 -0.96 6.84 -7.62
C LEU A 286 0.43 7.37 -7.95
N ILE A 287 1.39 7.14 -7.07
CA ILE A 287 2.75 7.65 -7.28
C ILE A 287 3.86 6.61 -7.16
N GLY A 288 3.52 5.34 -7.34
CA GLY A 288 4.51 4.28 -7.23
C GLY A 288 5.49 4.22 -8.38
N GLY A 289 6.49 3.34 -8.24
CA GLY A 289 7.49 3.18 -9.27
C GLY A 289 7.03 2.33 -10.45
N TYR A 290 7.77 2.44 -11.53
CA TYR A 290 7.48 1.72 -12.76
C TYR A 290 8.71 0.87 -13.06
N GLY A 291 8.56 -0.44 -13.24
CA GLY A 291 9.78 -1.19 -13.53
C GLY A 291 9.76 -2.71 -13.56
N LYS A 292 8.70 -3.35 -13.08
CA LYS A 292 8.60 -4.82 -13.12
C LYS A 292 9.27 -5.54 -11.95
N ASN A 293 10.45 -5.09 -11.54
CA ASN A 293 11.13 -5.69 -10.40
C ASN A 293 11.00 -4.73 -9.23
N GLN A 294 10.07 -3.78 -9.39
CA GLN A 294 9.74 -2.79 -8.37
C GLN A 294 8.60 -3.37 -7.54
N MET A 295 8.87 -3.59 -6.26
CA MET A 295 7.90 -4.18 -5.36
C MET A 295 7.32 -3.15 -4.39
N VAL A 296 6.02 -3.26 -4.12
CA VAL A 296 5.34 -2.31 -3.24
C VAL A 296 5.03 -2.94 -1.87
N CYS A 297 5.48 -2.30 -0.81
CA CYS A 297 5.24 -2.81 0.54
C CYS A 297 4.41 -1.77 1.28
N ARG A 298 3.15 -2.10 1.52
CA ARG A 298 2.22 -1.20 2.18
C ARG A 298 2.25 -1.33 3.71
N ALA A 299 2.39 -0.21 4.40
CA ALA A 299 2.39 -0.25 5.85
C ALA A 299 0.96 -0.44 6.33
N PRO A 300 0.77 -1.20 7.42
CA PRO A 300 -0.58 -1.40 7.94
C PRO A 300 -1.16 -0.02 8.30
N GLY A 301 -2.42 0.23 7.94
CA GLY A 301 -3.04 1.51 8.26
C GLY A 301 -2.37 2.73 7.64
N ASN A 302 -1.56 2.50 6.61
CA ASN A 302 -0.82 3.55 5.92
C ASN A 302 0.08 4.30 6.90
N GLU A 303 0.42 3.62 8.00
CA GLU A 303 1.30 4.18 9.04
C GLU A 303 2.60 3.38 9.09
N LEU A 304 3.71 3.97 8.66
CA LEU A 304 4.98 3.26 8.65
C LEU A 304 5.47 2.77 10.00
N SER A 305 5.03 3.40 11.09
CA SER A 305 5.45 2.96 12.42
C SER A 305 4.91 1.56 12.66
N GLN A 306 3.84 1.22 11.94
CA GLN A 306 3.22 -0.10 12.08
C GLN A 306 3.89 -1.16 11.22
N LEU A 307 4.74 -0.73 10.30
CA LEU A 307 5.44 -1.68 9.44
C LEU A 307 6.65 -2.25 10.16
N THR A 308 6.62 -3.55 10.46
CA THR A 308 7.71 -4.19 11.18
C THR A 308 8.82 -4.63 10.23
N ALA A 309 10.05 -4.70 10.74
CA ALA A 309 11.20 -5.11 9.93
C ALA A 309 11.01 -6.56 9.53
N ASN A 310 10.32 -7.30 10.38
CA ASN A 310 10.07 -8.69 10.11
C ASN A 310 9.19 -8.78 8.87
N ALA A 311 8.17 -7.93 8.80
CA ALA A 311 7.27 -7.92 7.66
C ALA A 311 8.04 -7.54 6.39
N VAL A 312 8.95 -6.58 6.48
CA VAL A 312 9.72 -6.20 5.31
C VAL A 312 10.68 -7.31 4.87
N LYS A 313 11.30 -8.00 5.84
CA LYS A 313 12.20 -9.07 5.46
C LYS A 313 11.35 -10.20 4.88
N GLN A 314 10.25 -10.50 5.55
CA GLN A 314 9.34 -11.56 5.09
C GLN A 314 8.88 -11.17 3.69
N PHE A 315 8.70 -9.88 3.47
CA PHE A 315 8.27 -9.38 2.17
C PHE A 315 9.38 -9.65 1.16
N ILE A 316 10.61 -9.28 1.50
CA ILE A 316 11.75 -9.50 0.62
C ILE A 316 11.90 -10.99 0.28
N GLU A 317 11.68 -11.85 1.27
CA GLU A 317 11.82 -13.29 1.08
C GLU A 317 10.77 -13.90 0.16
N GLU A 318 9.52 -13.42 0.25
CA GLU A 318 8.48 -13.99 -0.62
C GLU A 318 8.42 -13.32 -1.98
N ASN A 319 9.28 -12.33 -2.18
CA ASN A 319 9.35 -11.62 -3.45
C ASN A 319 10.79 -11.77 -3.94
N ALA A 320 11.53 -12.68 -3.30
CA ALA A 320 12.93 -12.91 -3.64
C ALA A 320 13.08 -13.30 -5.10
N GLU A 321 12.13 -14.11 -5.59
CA GLU A 321 12.17 -14.55 -6.98
C GLU A 321 12.31 -13.34 -7.91
N LYS A 322 11.63 -12.25 -7.56
CA LYS A 322 11.72 -11.03 -8.38
C LYS A 322 13.12 -10.42 -8.33
N ALA A 323 13.65 -10.30 -7.11
CA ALA A 323 14.99 -9.73 -6.94
C ALA A 323 16.06 -10.61 -7.59
N MET B 1 -10.45 -3.78 -13.81
CA MET B 1 -11.57 -3.15 -13.04
C MET B 1 -11.14 -2.87 -11.61
N ARG B 2 -11.48 -1.69 -11.12
CA ARG B 2 -11.13 -1.30 -9.75
C ARG B 2 -12.41 -0.91 -9.00
N VAL B 3 -12.58 -1.47 -7.82
CA VAL B 3 -13.76 -1.22 -7.01
C VAL B 3 -13.41 -0.68 -5.62
N LEU B 4 -14.22 0.26 -5.13
CA LEU B 4 -14.02 0.82 -3.82
C LEU B 4 -15.05 0.19 -2.87
N ILE B 5 -14.56 -0.42 -1.79
CA ILE B 5 -15.45 -1.02 -0.80
C ILE B 5 -15.63 -0.08 0.38
N VAL B 6 -16.87 0.11 0.80
CA VAL B 6 -17.19 0.93 1.98
C VAL B 6 -17.76 -0.08 2.99
N LYS B 7 -16.95 -0.47 3.97
CA LYS B 7 -17.36 -1.43 4.99
C LYS B 7 -16.37 -1.13 6.09
N THR B 8 -16.78 -0.24 6.98
CA THR B 8 -15.87 0.20 8.01
C THR B 8 -15.88 -0.42 9.39
N SER B 9 -17.06 -0.79 9.89
CA SER B 9 -17.08 -1.20 11.28
C SER B 9 -17.47 -2.56 11.77
N SER B 10 -16.96 -2.84 12.97
CA SER B 10 -17.12 -4.10 13.64
C SER B 10 -16.04 -4.90 12.90
N MET B 11 -15.04 -5.35 13.65
CA MET B 11 -13.99 -6.14 13.07
C MET B 11 -14.65 -7.36 12.42
N GLY B 12 -15.71 -7.84 13.04
CA GLY B 12 -16.42 -9.00 12.52
C GLY B 12 -17.02 -8.76 11.14
N ASP B 13 -17.73 -7.64 11.01
CA ASP B 13 -18.36 -7.27 9.75
C ASP B 13 -17.33 -7.14 8.64
N VAL B 14 -16.20 -6.54 8.97
CA VAL B 14 -15.13 -6.37 7.99
C VAL B 14 -14.68 -7.73 7.52
N LEU B 15 -14.33 -8.61 8.47
CA LEU B 15 -13.89 -9.96 8.16
C LEU B 15 -14.85 -10.72 7.26
N HIS B 16 -16.14 -10.65 7.59
CA HIS B 16 -17.18 -11.37 6.84
C HIS B 16 -17.37 -10.86 5.43
N THR B 17 -16.67 -9.80 5.08
CA THR B 17 -16.75 -9.23 3.74
C THR B 17 -15.77 -9.94 2.82
N LEU B 18 -14.72 -10.52 3.39
CA LEU B 18 -13.67 -11.16 2.59
C LEU B 18 -14.10 -12.20 1.56
N PRO B 19 -15.01 -13.12 1.90
CA PRO B 19 -15.45 -14.13 0.93
C PRO B 19 -16.03 -13.53 -0.35
N ALA B 20 -16.60 -12.34 -0.25
CA ALA B 20 -17.15 -11.67 -1.42
C ALA B 20 -16.04 -11.26 -2.37
N LEU B 21 -14.92 -10.78 -1.85
CA LEU B 21 -13.82 -10.38 -2.72
C LEU B 21 -13.23 -11.61 -3.42
N THR B 22 -13.18 -12.73 -2.70
CA THR B 22 -12.66 -13.97 -3.26
C THR B 22 -13.57 -14.38 -4.42
N ASP B 23 -14.88 -14.24 -4.22
CA ASP B 23 -15.86 -14.57 -5.25
C ASP B 23 -15.61 -13.75 -6.51
N ALA B 24 -15.50 -12.43 -6.33
CA ALA B 24 -15.29 -11.49 -7.41
C ALA B 24 -13.98 -11.71 -8.14
N GLN B 25 -12.94 -12.10 -7.42
CA GLN B 25 -11.65 -12.35 -8.03
C GLN B 25 -11.73 -13.55 -8.96
N GLN B 26 -12.56 -14.52 -8.60
CA GLN B 26 -12.74 -15.72 -9.41
C GLN B 26 -13.52 -15.41 -10.67
N ALA B 27 -14.58 -14.61 -10.54
CA ALA B 27 -15.41 -14.26 -11.68
C ALA B 27 -14.84 -13.17 -12.59
N ILE B 28 -14.02 -12.30 -12.02
CA ILE B 28 -13.42 -11.18 -12.75
C ILE B 28 -11.92 -11.11 -12.48
N PRO B 29 -11.13 -11.91 -13.22
CA PRO B 29 -9.69 -11.90 -13.03
C PRO B 29 -9.12 -10.50 -13.15
N GLY B 30 -8.15 -10.18 -12.30
CA GLY B 30 -7.54 -8.86 -12.36
C GLY B 30 -8.29 -7.77 -11.63
N ILE B 31 -9.47 -8.09 -11.09
CA ILE B 31 -10.22 -7.08 -10.35
C ILE B 31 -9.43 -6.77 -9.07
N LYS B 32 -9.36 -5.49 -8.72
CA LYS B 32 -8.65 -5.06 -7.51
C LYS B 32 -9.56 -4.14 -6.70
N PHE B 33 -9.43 -4.22 -5.38
CA PHE B 33 -10.24 -3.41 -4.49
C PHE B 33 -9.51 -2.46 -3.57
N ASP B 34 -10.04 -1.26 -3.44
CA ASP B 34 -9.52 -0.32 -2.45
C ASP B 34 -10.61 -0.45 -1.39
N TRP B 35 -10.29 -0.13 -0.14
CA TRP B 35 -11.24 -0.34 0.94
C TRP B 35 -11.19 0.74 2.03
N VAL B 36 -12.35 1.35 2.30
CA VAL B 36 -12.46 2.37 3.36
C VAL B 36 -12.86 1.60 4.62
N VAL B 37 -12.06 1.69 5.67
CA VAL B 37 -12.31 0.95 6.89
C VAL B 37 -11.88 1.75 8.11
N GLU B 38 -12.52 1.52 9.26
CA GLU B 38 -12.13 2.24 10.48
C GLU B 38 -10.65 1.94 10.75
N GLU B 39 -9.93 2.96 11.20
CA GLU B 39 -8.49 2.81 11.48
C GLU B 39 -8.15 1.60 12.36
N GLY B 40 -9.00 1.29 13.32
CA GLY B 40 -8.74 0.14 14.18
C GLY B 40 -8.69 -1.23 13.50
N PHE B 41 -9.26 -1.35 12.31
CA PHE B 41 -9.27 -2.63 11.61
C PHE B 41 -8.57 -2.59 10.26
N ALA B 42 -7.91 -1.46 10.00
CA ALA B 42 -7.20 -1.25 8.73
C ALA B 42 -6.28 -2.36 8.25
N GLN B 43 -5.75 -3.18 9.16
CA GLN B 43 -4.86 -4.27 8.77
C GLN B 43 -5.54 -5.42 8.07
N ILE B 44 -6.76 -5.73 8.48
CA ILE B 44 -7.50 -6.86 7.92
C ILE B 44 -7.63 -6.93 6.40
N PRO B 45 -8.12 -5.85 5.76
CA PRO B 45 -8.25 -5.90 4.30
C PRO B 45 -6.95 -6.24 3.58
N SER B 46 -5.83 -5.75 4.10
CA SER B 46 -4.53 -5.97 3.50
C SER B 46 -4.12 -7.44 3.40
N TRP B 47 -4.77 -8.30 4.16
CA TRP B 47 -4.43 -9.72 4.12
C TRP B 47 -5.02 -10.44 2.92
N HIS B 48 -5.96 -9.81 2.22
CA HIS B 48 -6.57 -10.42 1.05
C HIS B 48 -5.82 -9.97 -0.21
N ALA B 49 -5.50 -10.94 -1.07
CA ALA B 49 -4.74 -10.70 -2.29
C ALA B 49 -5.39 -9.76 -3.30
N ALA B 50 -6.71 -9.62 -3.25
CA ALA B 50 -7.40 -8.74 -4.19
C ALA B 50 -7.40 -7.28 -3.74
N VAL B 51 -6.90 -7.00 -2.54
CA VAL B 51 -6.90 -5.64 -2.02
C VAL B 51 -5.62 -4.84 -2.24
N GLU B 52 -5.80 -3.56 -2.56
CA GLU B 52 -4.69 -2.65 -2.77
C GLU B 52 -4.64 -1.55 -1.72
N ARG B 53 -5.30 -0.42 -1.99
CA ARG B 53 -5.27 0.69 -1.05
C ARG B 53 -6.33 0.68 0.05
N VAL B 54 -5.89 0.58 1.29
CA VAL B 54 -6.80 0.65 2.42
C VAL B 54 -6.85 2.15 2.74
N ILE B 55 -8.06 2.70 2.84
CA ILE B 55 -8.26 4.11 3.14
C ILE B 55 -8.90 4.17 4.52
N PRO B 56 -8.09 4.42 5.55
CA PRO B 56 -8.60 4.49 6.91
C PRO B 56 -9.46 5.71 7.18
N VAL B 57 -10.49 5.50 7.98
CA VAL B 57 -11.39 6.57 8.39
C VAL B 57 -11.52 6.39 9.90
N ALA B 58 -11.88 7.45 10.60
CA ALA B 58 -12.04 7.38 12.05
C ALA B 58 -13.16 8.33 12.41
N ILE B 59 -14.36 8.02 11.92
CA ILE B 59 -15.54 8.83 12.13
C ILE B 59 -15.86 9.07 13.60
N ARG B 60 -15.76 8.02 14.41
CA ARG B 60 -16.02 8.15 15.85
C ARG B 60 -15.03 9.15 16.44
N ARG B 61 -13.75 8.95 16.13
CA ARG B 61 -12.70 9.80 16.66
C ARG B 61 -12.78 11.24 16.14
N TRP B 62 -13.01 11.41 14.84
CA TRP B 62 -13.09 12.75 14.27
C TRP B 62 -14.24 13.54 14.88
N ARG B 63 -15.32 12.86 15.21
CA ARG B 63 -16.49 13.51 15.79
C ARG B 63 -16.14 14.43 16.97
N LYS B 64 -15.04 14.14 17.65
CA LYS B 64 -14.63 14.97 18.78
C LYS B 64 -13.91 16.21 18.28
N ARG B 75 -9.41 14.52 7.60
CA ARG B 75 -10.48 14.55 6.61
C ARG B 75 -9.97 14.96 5.24
N LYS B 76 -9.31 16.11 5.16
CA LYS B 76 -8.75 16.60 3.91
C LYS B 76 -8.03 15.48 3.16
N ALA B 77 -7.07 14.86 3.81
CA ALA B 77 -6.31 13.77 3.21
C ALA B 77 -7.20 12.56 2.94
N PHE B 78 -8.27 12.42 3.70
CA PHE B 78 -9.19 11.30 3.53
C PHE B 78 -10.02 11.48 2.25
N ARG B 79 -10.70 12.61 2.16
CA ARG B 79 -11.51 12.93 1.00
C ARG B 79 -10.63 12.99 -0.24
N GLU B 80 -9.43 13.54 -0.09
CA GLU B 80 -8.49 13.62 -1.21
C GLU B 80 -8.10 12.23 -1.65
N ALA B 81 -7.83 11.36 -0.69
CA ALA B 81 -7.45 9.99 -1.00
C ALA B 81 -8.68 9.26 -1.53
N LEU B 82 -9.83 9.56 -0.94
CA LEU B 82 -11.09 8.95 -1.34
C LEU B 82 -11.46 9.29 -2.77
N GLN B 83 -11.21 10.55 -3.18
CA GLN B 83 -11.55 11.00 -4.52
C GLN B 83 -10.40 10.97 -5.55
N ALA B 84 -9.30 10.35 -5.18
CA ALA B 84 -8.13 10.28 -6.06
C ALA B 84 -8.28 9.35 -7.26
N LYS B 85 -9.26 8.46 -7.22
CA LYS B 85 -9.44 7.52 -8.32
C LYS B 85 -10.90 7.42 -8.75
N ASN B 86 -11.10 7.11 -10.03
CA ASN B 86 -12.43 6.94 -10.59
C ASN B 86 -12.67 5.43 -10.62
N TYR B 87 -13.50 4.95 -9.71
CA TYR B 87 -13.77 3.52 -9.61
C TYR B 87 -14.87 3.08 -10.56
N ASP B 88 -14.79 1.83 -11.00
CA ASP B 88 -15.78 1.25 -11.89
C ASP B 88 -17.04 0.93 -11.09
N ALA B 89 -16.88 0.86 -9.77
CA ALA B 89 -17.99 0.61 -8.86
C ALA B 89 -17.60 0.91 -7.42
N VAL B 90 -18.55 1.48 -6.67
CA VAL B 90 -18.36 1.76 -5.25
C VAL B 90 -19.40 0.89 -4.54
N ILE B 91 -18.94 -0.08 -3.76
CA ILE B 91 -19.86 -0.96 -3.07
C ILE B 91 -19.92 -0.67 -1.57
N ASP B 92 -21.06 -0.16 -1.13
CA ASP B 92 -21.27 0.14 0.28
C ASP B 92 -21.94 -1.12 0.85
N ALA B 93 -21.17 -1.91 1.59
CA ALA B 93 -21.70 -3.14 2.18
C ALA B 93 -22.08 -2.91 3.65
N GLN B 94 -22.09 -1.64 4.02
CA GLN B 94 -22.38 -1.21 5.39
C GLN B 94 -23.87 -0.98 5.61
N GLY B 95 -24.48 -0.13 4.79
CA GLY B 95 -25.91 0.12 4.94
C GLY B 95 -26.30 1.03 6.09
N LEU B 96 -25.35 1.79 6.61
CA LEU B 96 -25.61 2.72 7.72
C LEU B 96 -25.58 4.12 7.16
N VAL B 97 -26.45 4.99 7.65
CA VAL B 97 -26.51 6.36 7.12
C VAL B 97 -25.21 7.17 7.28
N LYS B 98 -24.54 7.08 8.42
CA LYS B 98 -23.34 7.86 8.62
C LYS B 98 -22.25 7.57 7.59
N SER B 99 -21.94 6.29 7.39
CA SER B 99 -20.91 5.94 6.43
C SER B 99 -21.39 6.17 4.99
N ALA B 100 -22.69 6.14 4.75
CA ALA B 100 -23.21 6.37 3.40
C ALA B 100 -23.08 7.86 3.04
N ALA B 101 -23.39 8.70 4.01
CA ALA B 101 -23.33 10.14 3.82
C ALA B 101 -21.92 10.69 3.91
N LEU B 102 -21.13 10.13 4.82
CA LEU B 102 -19.76 10.60 5.01
C LEU B 102 -18.72 9.92 4.13
N VAL B 103 -19.07 8.82 3.47
CA VAL B 103 -18.10 8.12 2.63
C VAL B 103 -18.53 7.79 1.21
N THR B 104 -19.45 6.84 1.06
CA THR B 104 -19.83 6.45 -0.30
C THR B 104 -20.39 7.61 -1.12
N ARG B 105 -21.04 8.56 -0.45
CA ARG B 105 -21.59 9.74 -1.12
C ARG B 105 -20.46 10.54 -1.79
N LEU B 106 -19.31 10.61 -1.13
CA LEU B 106 -18.17 11.37 -1.64
C LEU B 106 -17.29 10.72 -2.72
N ALA B 107 -17.35 9.40 -2.86
CA ALA B 107 -16.53 8.70 -3.85
C ALA B 107 -16.90 8.91 -5.31
N HIS B 108 -15.95 8.68 -6.20
CA HIS B 108 -16.21 8.81 -7.63
C HIS B 108 -16.49 7.43 -8.21
N GLY B 109 -17.71 7.24 -8.71
CA GLY B 109 -18.08 5.95 -9.30
C GLY B 109 -19.52 5.60 -9.02
N VAL B 110 -20.05 4.63 -9.78
CA VAL B 110 -21.43 4.18 -9.60
C VAL B 110 -21.53 3.58 -8.19
N LYS B 111 -22.46 4.10 -7.38
CA LYS B 111 -22.60 3.64 -6.01
C LYS B 111 -23.68 2.59 -5.85
N HIS B 112 -23.28 1.44 -5.31
CA HIS B 112 -24.15 0.30 -5.08
C HIS B 112 -24.33 0.08 -3.57
N GLY B 113 -25.55 -0.27 -3.15
CA GLY B 113 -25.78 -0.53 -1.74
C GLY B 113 -27.10 -1.27 -1.58
N MET B 114 -27.48 -1.57 -0.34
CA MET B 114 -28.75 -2.25 -0.13
C MET B 114 -29.91 -1.28 -0.31
N ASP B 115 -31.07 -1.80 -0.72
CA ASP B 115 -32.25 -0.97 -0.94
C ASP B 115 -32.95 -0.60 0.34
N TRP B 116 -34.06 0.10 0.21
CA TRP B 116 -34.82 0.53 1.39
C TRP B 116 -35.22 -0.64 2.29
N GLN B 117 -35.70 -1.72 1.69
CA GLN B 117 -36.15 -2.85 2.50
C GLN B 117 -35.09 -3.70 3.18
N THR B 118 -33.85 -3.66 2.69
CA THR B 118 -32.81 -4.50 3.27
C THR B 118 -31.61 -3.85 3.95
N ALA B 119 -31.38 -2.56 3.73
CA ALA B 119 -30.25 -1.87 4.38
C ALA B 119 -30.49 -1.85 5.90
N ARG B 120 -29.41 -1.95 6.69
CA ARG B 120 -29.56 -1.94 8.15
C ARG B 120 -30.33 -0.70 8.56
N GLU B 121 -30.02 0.40 7.88
CA GLU B 121 -30.69 1.67 8.10
C GLU B 121 -31.21 2.08 6.73
N PRO B 122 -32.51 1.85 6.47
CA PRO B 122 -33.18 2.17 5.21
C PRO B 122 -32.78 3.47 4.53
N LEU B 123 -32.70 4.55 5.31
CA LEU B 123 -32.34 5.85 4.76
C LEU B 123 -31.01 5.91 4.03
N ALA B 124 -30.13 4.97 4.34
CA ALA B 124 -28.82 4.91 3.68
C ALA B 124 -29.00 4.63 2.19
N SER B 125 -30.09 3.96 1.84
CA SER B 125 -30.35 3.61 0.46
C SER B 125 -30.48 4.84 -0.44
N LEU B 126 -30.90 5.97 0.13
CA LEU B 126 -31.05 7.19 -0.66
C LEU B 126 -29.74 7.64 -1.28
N PHE B 127 -28.62 7.19 -0.74
CA PHE B 127 -27.32 7.62 -1.27
C PHE B 127 -26.75 6.77 -2.38
N TYR B 128 -27.47 5.73 -2.78
CA TYR B 128 -26.97 4.82 -3.80
C TYR B 128 -27.61 5.00 -5.18
N ASN B 129 -26.83 4.72 -6.24
CA ASN B 129 -27.32 4.81 -7.60
C ASN B 129 -27.99 3.48 -7.96
N ARG B 130 -27.40 2.40 -7.46
CA ARG B 130 -27.93 1.05 -7.71
C ARG B 130 -28.33 0.46 -6.36
N LYS B 131 -29.64 0.28 -6.15
CA LYS B 131 -30.11 -0.28 -4.89
C LYS B 131 -30.45 -1.75 -5.10
N HIS B 132 -29.77 -2.61 -4.34
CA HIS B 132 -29.97 -4.06 -4.46
C HIS B 132 -30.73 -4.65 -3.28
N HIS B 133 -31.61 -5.61 -3.57
CA HIS B 133 -32.39 -6.26 -2.52
C HIS B 133 -31.60 -7.45 -2.00
N ILE B 134 -31.16 -7.38 -0.75
CA ILE B 134 -30.38 -8.45 -0.15
C ILE B 134 -31.12 -9.01 1.06
N ALA B 135 -31.73 -10.19 0.88
CA ALA B 135 -32.51 -10.85 1.94
C ALA B 135 -31.83 -10.77 3.32
N LYS B 136 -32.57 -10.26 4.30
CA LYS B 136 -32.04 -10.07 5.64
C LYS B 136 -31.65 -11.30 6.44
N GLN B 137 -32.42 -12.39 6.33
CA GLN B 137 -32.10 -13.57 7.11
C GLN B 137 -31.10 -14.56 6.52
N GLN B 138 -29.84 -14.16 6.48
CA GLN B 138 -28.75 -15.01 6.01
C GLN B 138 -27.55 -14.50 6.78
N HIS B 139 -26.50 -15.29 6.86
CA HIS B 139 -25.33 -14.86 7.59
C HIS B 139 -24.69 -13.70 6.83
N ALA B 140 -24.02 -12.81 7.55
CA ALA B 140 -23.34 -11.65 6.97
C ALA B 140 -22.49 -12.00 5.75
N VAL B 141 -21.77 -13.11 5.83
CA VAL B 141 -20.93 -13.56 4.72
C VAL B 141 -21.72 -13.70 3.42
N GLU B 142 -22.85 -14.40 3.50
CA GLU B 142 -23.68 -14.61 2.33
C GLU B 142 -24.35 -13.35 1.81
N ARG B 143 -24.72 -12.46 2.71
CA ARG B 143 -25.37 -11.23 2.28
C ARG B 143 -24.41 -10.38 1.47
N THR B 144 -23.17 -10.27 1.94
CA THR B 144 -22.19 -9.46 1.23
C THR B 144 -21.82 -10.14 -0.09
N ARG B 145 -21.72 -11.47 -0.09
CA ARG B 145 -21.40 -12.19 -1.32
C ARG B 145 -22.49 -11.87 -2.34
N GLU B 146 -23.74 -11.87 -1.87
CA GLU B 146 -24.87 -11.59 -2.74
C GLU B 146 -24.81 -10.16 -3.28
N LEU B 147 -24.43 -9.22 -2.43
CA LEU B 147 -24.31 -7.83 -2.84
C LEU B 147 -23.22 -7.62 -3.90
N PHE B 148 -22.06 -8.24 -3.70
CA PHE B 148 -20.96 -8.10 -4.65
C PHE B 148 -21.35 -8.68 -6.01
N ALA B 149 -22.02 -9.83 -5.96
CA ALA B 149 -22.46 -10.52 -7.16
C ALA B 149 -23.41 -9.65 -7.97
N LYS B 150 -24.43 -9.11 -7.30
CA LYS B 150 -25.40 -8.26 -7.98
C LYS B 150 -24.78 -6.98 -8.50
N SER B 151 -23.89 -6.39 -7.72
CA SER B 151 -23.24 -5.14 -8.10
C SER B 151 -22.25 -5.29 -9.24
N LEU B 152 -21.61 -6.45 -9.33
CA LEU B 152 -20.58 -6.64 -10.35
C LEU B 152 -20.96 -7.50 -11.55
N GLY B 153 -22.20 -7.96 -11.59
CA GLY B 153 -22.63 -8.73 -12.74
C GLY B 153 -22.25 -10.17 -12.88
N TYR B 154 -22.25 -10.91 -11.78
CA TYR B 154 -21.96 -12.34 -11.84
C TYR B 154 -22.87 -13.07 -10.84
N SER B 155 -23.10 -14.35 -11.08
CA SER B 155 -23.97 -15.13 -10.20
C SER B 155 -23.17 -15.52 -8.96
N LYS B 156 -23.80 -15.43 -7.79
CA LYS B 156 -23.11 -15.79 -6.56
C LYS B 156 -22.81 -17.29 -6.51
N PRO B 157 -21.54 -17.65 -6.31
CA PRO B 157 -21.13 -19.06 -6.24
C PRO B 157 -21.93 -19.78 -5.17
N GLN B 158 -22.29 -21.03 -5.43
CA GLN B 158 -23.05 -21.80 -4.46
C GLN B 158 -22.11 -22.46 -3.46
N THR B 159 -20.82 -22.40 -3.76
CA THR B 159 -19.80 -22.97 -2.90
C THR B 159 -19.75 -22.20 -1.58
N GLN B 160 -19.05 -22.74 -0.60
CA GLN B 160 -18.94 -22.09 0.71
C GLN B 160 -17.91 -20.96 0.66
N GLY B 161 -18.21 -19.88 1.38
CA GLY B 161 -17.34 -18.73 1.41
C GLY B 161 -15.90 -19.03 1.82
N ASP B 162 -14.96 -18.37 1.15
CA ASP B 162 -13.55 -18.54 1.42
C ASP B 162 -12.94 -17.16 1.70
N TYR B 163 -12.62 -16.91 2.98
CA TYR B 163 -12.04 -15.64 3.41
C TYR B 163 -10.72 -15.39 2.69
N ALA B 164 -10.01 -16.46 2.40
CA ALA B 164 -8.73 -16.37 1.70
C ALA B 164 -7.67 -15.52 2.39
N ILE B 165 -7.57 -15.59 3.71
CA ILE B 165 -6.54 -14.84 4.43
C ILE B 165 -5.57 -15.79 5.13
N ALA B 166 -6.00 -17.03 5.34
CA ALA B 166 -5.15 -18.03 5.99
C ALA B 166 -3.86 -18.12 5.18
N GLN B 167 -3.98 -18.09 3.85
CA GLN B 167 -2.84 -18.16 2.97
C GLN B 167 -1.77 -17.13 3.33
N HIS B 168 -2.20 -15.92 3.68
CA HIS B 168 -1.28 -14.86 4.04
C HIS B 168 -0.42 -15.25 5.25
N PHE B 169 -0.92 -16.17 6.07
CA PHE B 169 -0.22 -16.59 7.28
C PHE B 169 0.43 -17.96 7.18
N LEU B 170 0.02 -18.75 6.19
CA LEU B 170 0.56 -20.09 6.04
C LEU B 170 2.08 -20.16 5.94
N THR B 171 2.62 -19.63 4.85
CA THR B 171 4.07 -19.66 4.62
C THR B 171 4.92 -19.26 5.83
N ASN B 172 4.38 -18.42 6.71
CA ASN B 172 5.11 -17.99 7.90
C ASN B 172 4.36 -18.32 9.18
N GLY B 178 1.97 -25.59 16.22
CA GLY B 178 0.58 -25.78 15.86
C GLY B 178 -0.22 -26.58 16.89
N GLU B 179 0.50 -27.30 17.75
CA GLU B 179 -0.14 -28.13 18.77
C GLU B 179 -0.56 -27.40 20.06
N TYR B 180 -1.42 -26.41 19.91
CA TYR B 180 -1.89 -25.64 21.05
C TYR B 180 -3.28 -25.08 20.80
N ALA B 181 -3.83 -24.47 21.83
CA ALA B 181 -5.14 -23.85 21.76
C ALA B 181 -4.95 -22.41 22.18
N VAL B 182 -5.86 -21.54 21.77
CA VAL B 182 -5.80 -20.16 22.15
C VAL B 182 -7.09 -19.83 22.89
N PHE B 183 -6.95 -19.18 24.04
CA PHE B 183 -8.10 -18.78 24.83
C PHE B 183 -8.23 -17.25 24.70
N LEU B 184 -9.29 -16.79 24.02
CA LEU B 184 -9.53 -15.36 23.84
C LEU B 184 -10.48 -14.91 24.94
N HIS B 185 -9.95 -14.19 25.93
CA HIS B 185 -10.75 -13.72 27.05
C HIS B 185 -11.12 -12.24 27.05
N ALA B 186 -10.46 -11.46 26.19
CA ALA B 186 -10.69 -10.03 26.13
C ALA B 186 -11.85 -9.62 25.23
N THR B 187 -12.73 -8.76 25.75
CA THR B 187 -13.84 -8.28 24.94
C THR B 187 -14.20 -6.83 25.31
N THR B 188 -15.34 -6.35 24.82
CA THR B 188 -15.74 -4.96 25.01
C THR B 188 -16.73 -4.56 26.11
N ARG B 189 -17.62 -5.46 26.49
CA ARG B 189 -18.60 -5.14 27.52
C ARG B 189 -18.45 -6.07 28.72
N ASP B 190 -18.78 -5.58 29.91
CA ASP B 190 -18.65 -6.36 31.12
C ASP B 190 -19.39 -7.70 31.09
N ASP B 191 -20.65 -7.68 30.69
CA ASP B 191 -21.45 -8.90 30.64
C ASP B 191 -20.99 -9.90 29.58
N LYS B 192 -20.07 -9.49 28.72
CA LYS B 192 -19.59 -10.37 27.66
C LYS B 192 -18.33 -11.13 28.07
N HIS B 193 -17.82 -10.81 29.27
CA HIS B 193 -16.64 -11.47 29.78
C HIS B 193 -17.01 -12.72 30.56
N TRP B 194 -16.16 -13.74 30.49
CA TRP B 194 -16.39 -14.96 31.26
C TRP B 194 -15.53 -14.75 32.50
N PRO B 195 -16.12 -14.77 33.70
CA PRO B 195 -15.37 -14.57 34.94
C PRO B 195 -14.03 -15.29 34.98
N GLU B 196 -13.01 -14.56 35.44
CA GLU B 196 -11.66 -15.10 35.53
C GLU B 196 -11.60 -16.46 36.23
N GLU B 197 -12.34 -16.61 37.32
CA GLU B 197 -12.36 -17.86 38.07
C GLU B 197 -12.78 -19.00 37.16
N HIS B 198 -13.72 -18.74 36.26
CA HIS B 198 -14.19 -19.78 35.36
C HIS B 198 -13.12 -20.16 34.35
N TRP B 199 -12.44 -19.16 33.79
CA TRP B 199 -11.35 -19.40 32.82
C TRP B 199 -10.28 -20.23 33.51
N ARG B 200 -9.94 -19.85 34.73
CA ARG B 200 -8.90 -20.55 35.48
C ARG B 200 -9.24 -22.01 35.74
N GLU B 201 -10.49 -22.29 36.07
CA GLU B 201 -10.90 -23.67 36.32
C GLU B 201 -10.87 -24.47 35.02
N LEU B 202 -11.25 -23.85 33.91
CA LEU B 202 -11.24 -24.58 32.64
C LEU B 202 -9.80 -24.97 32.34
N ILE B 203 -8.89 -24.02 32.48
CA ILE B 203 -7.47 -24.27 32.25
C ILE B 203 -7.00 -25.41 33.16
N GLY B 204 -7.38 -25.35 34.43
CA GLY B 204 -7.01 -26.41 35.36
C GLY B 204 -7.57 -27.76 34.97
N LEU B 205 -8.79 -27.78 34.46
CA LEU B 205 -9.42 -29.04 34.06
C LEU B 205 -8.67 -29.71 32.91
N LEU B 206 -7.91 -28.91 32.16
CA LEU B 206 -7.18 -29.44 31.02
C LEU B 206 -5.70 -29.66 31.31
N ALA B 207 -5.32 -29.44 32.56
CA ALA B 207 -3.93 -29.58 32.99
C ALA B 207 -3.21 -30.87 32.61
N ASP B 208 -3.82 -32.03 32.86
CA ASP B 208 -3.15 -33.31 32.55
C ASP B 208 -3.30 -33.82 31.12
N SER B 209 -3.98 -33.05 30.27
CA SER B 209 -4.22 -33.45 28.89
C SER B 209 -3.01 -33.37 27.98
N GLY B 210 -2.04 -32.52 28.36
CA GLY B 210 -0.87 -32.33 27.53
C GLY B 210 -1.08 -31.12 26.63
N ILE B 211 -2.27 -30.53 26.68
CA ILE B 211 -2.57 -29.35 25.87
C ILE B 211 -1.68 -28.17 26.28
N ARG B 212 -1.43 -27.28 25.31
CA ARG B 212 -0.66 -26.07 25.54
C ARG B 212 -1.62 -24.94 25.22
N ILE B 213 -1.69 -23.93 26.10
CA ILE B 213 -2.60 -22.82 25.90
C ILE B 213 -1.87 -21.47 25.82
N LYS B 214 -2.27 -20.62 24.89
CA LYS B 214 -1.65 -19.32 24.75
C LYS B 214 -2.70 -18.26 25.04
N LEU B 215 -2.31 -17.23 25.78
CA LEU B 215 -3.23 -16.17 26.15
C LEU B 215 -2.73 -14.85 25.59
N PRO B 216 -3.41 -14.33 24.55
CA PRO B 216 -2.99 -13.05 23.96
C PRO B 216 -3.56 -11.84 24.67
N TRP B 217 -3.14 -10.67 24.21
CA TRP B 217 -3.58 -9.40 24.77
C TRP B 217 -3.03 -8.30 23.86
N GLY B 218 -3.76 -7.18 23.79
CA GLY B 218 -3.30 -6.09 22.94
C GLY B 218 -2.90 -4.91 23.81
N ALA B 219 -3.61 -4.77 24.92
CA ALA B 219 -3.38 -3.70 25.87
C ALA B 219 -3.19 -4.21 27.30
N PRO B 220 -2.46 -3.45 28.12
CA PRO B 220 -2.09 -3.61 29.53
C PRO B 220 -2.95 -4.36 30.56
N HIS B 221 -4.16 -3.88 30.81
CA HIS B 221 -5.05 -4.51 31.82
C HIS B 221 -5.42 -6.01 31.62
N GLU B 222 -5.45 -6.45 30.38
CA GLU B 222 -5.78 -7.85 30.11
C GLU B 222 -4.55 -8.68 30.45
N GLU B 223 -3.40 -8.12 30.13
CA GLU B 223 -2.12 -8.77 30.39
C GLU B 223 -2.09 -9.22 31.85
N GLU B 224 -2.66 -8.41 32.72
CA GLU B 224 -2.72 -8.73 34.15
C GLU B 224 -3.69 -9.86 34.40
N ARG B 225 -4.75 -9.92 33.60
CA ARG B 225 -5.73 -10.99 33.75
C ARG B 225 -5.07 -12.26 33.24
N ALA B 226 -4.42 -12.15 32.08
CA ALA B 226 -3.72 -13.29 31.47
C ALA B 226 -2.71 -13.86 32.46
N LYS B 227 -1.91 -12.98 33.06
CA LYS B 227 -0.91 -13.42 34.03
C LYS B 227 -1.61 -14.16 35.16
N ARG B 228 -2.73 -13.63 35.63
CA ARG B 228 -3.48 -14.28 36.71
C ARG B 228 -3.98 -15.64 36.24
N LEU B 229 -4.48 -15.69 35.02
CA LEU B 229 -5.00 -16.93 34.46
C LEU B 229 -3.88 -17.95 34.28
N ALA B 230 -2.73 -17.50 33.81
CA ALA B 230 -1.59 -18.38 33.57
C ALA B 230 -0.85 -18.78 34.84
N GLU B 231 -1.03 -17.99 35.90
CA GLU B 231 -0.37 -18.24 37.18
C GLU B 231 -0.45 -19.70 37.65
N GLY B 232 0.71 -20.33 37.76
CA GLY B 232 0.77 -21.70 38.24
C GLY B 232 0.67 -22.82 37.21
N PHE B 233 0.32 -22.50 35.97
CA PHE B 233 0.20 -23.50 34.93
C PHE B 233 1.32 -23.41 33.91
N ALA B 234 2.23 -24.38 33.97
CA ALA B 234 3.38 -24.40 33.08
C ALA B 234 3.00 -24.51 31.61
N TYR B 235 1.84 -25.10 31.33
CA TYR B 235 1.39 -25.28 29.96
C TYR B 235 0.66 -24.07 29.36
N VAL B 236 0.53 -23.01 30.13
CA VAL B 236 -0.15 -21.79 29.67
C VAL B 236 0.87 -20.67 29.56
N GLU B 237 0.97 -20.04 28.40
CA GLU B 237 1.92 -18.95 28.27
C GLU B 237 1.21 -17.65 27.92
N VAL B 238 1.64 -16.57 28.54
CA VAL B 238 1.07 -15.26 28.25
C VAL B 238 1.92 -14.75 27.09
N LEU B 239 1.29 -14.49 25.95
CA LEU B 239 1.99 -14.03 24.77
C LEU B 239 2.55 -12.62 24.96
N PRO B 240 3.55 -12.24 24.15
CA PRO B 240 4.13 -10.89 24.26
C PRO B 240 3.15 -9.94 23.61
N LYS B 241 3.30 -8.63 23.83
CA LYS B 241 2.40 -7.67 23.22
C LYS B 241 2.38 -7.88 21.70
N MET B 242 1.19 -7.82 21.11
CA MET B 242 1.08 -8.03 19.67
C MET B 242 0.09 -7.10 18.98
N SER B 243 0.25 -7.01 17.66
CA SER B 243 -0.63 -6.21 16.83
C SER B 243 -1.70 -7.19 16.38
N LEU B 244 -2.74 -6.69 15.73
CA LEU B 244 -3.83 -7.53 15.23
C LEU B 244 -3.21 -8.63 14.36
N GLU B 245 -2.21 -8.23 13.58
CA GLU B 245 -1.50 -9.14 12.69
C GLU B 245 -0.89 -10.31 13.46
N GLY B 246 -0.11 -9.98 14.50
CA GLY B 246 0.55 -10.97 15.32
C GLY B 246 -0.38 -12.01 15.93
N VAL B 247 -1.46 -11.56 16.57
CA VAL B 247 -2.38 -12.51 17.18
C VAL B 247 -3.06 -13.38 16.12
N ALA B 248 -3.35 -12.79 14.96
CA ALA B 248 -3.98 -13.53 13.86
C ALA B 248 -3.09 -14.71 13.48
N ARG B 249 -1.78 -14.45 13.41
CA ARG B 249 -0.80 -15.47 13.07
C ARG B 249 -0.84 -16.62 14.09
N VAL B 250 -0.91 -16.26 15.38
CA VAL B 250 -0.97 -17.26 16.44
C VAL B 250 -2.26 -18.08 16.28
N LEU B 251 -3.38 -17.40 16.11
CA LEU B 251 -4.67 -18.07 15.94
C LEU B 251 -4.64 -19.02 14.76
N ALA B 252 -4.01 -18.59 13.67
CA ALA B 252 -3.93 -19.42 12.47
C ALA B 252 -3.26 -20.76 12.73
N GLY B 253 -2.36 -20.82 13.71
CA GLY B 253 -1.67 -22.06 14.01
C GLY B 253 -2.32 -22.90 15.11
N ALA B 254 -3.35 -22.37 15.75
CA ALA B 254 -4.04 -23.07 16.83
C ALA B 254 -4.94 -24.18 16.31
N LYS B 255 -5.01 -25.30 17.03
CA LYS B 255 -5.85 -26.42 16.63
C LYS B 255 -7.23 -26.29 17.27
N PHE B 256 -7.39 -25.35 18.20
CA PHE B 256 -8.64 -25.20 18.91
C PHE B 256 -8.67 -23.85 19.61
N VAL B 257 -9.84 -23.21 19.66
CA VAL B 257 -9.96 -21.92 20.31
C VAL B 257 -11.24 -21.87 21.14
N VAL B 258 -11.15 -21.21 22.29
CA VAL B 258 -12.29 -20.99 23.16
C VAL B 258 -12.27 -19.48 23.35
N SER B 259 -13.43 -18.83 23.15
CA SER B 259 -13.45 -17.39 23.25
C SER B 259 -14.78 -16.81 23.65
N VAL B 260 -14.75 -15.53 23.99
CA VAL B 260 -15.95 -14.80 24.33
C VAL B 260 -16.35 -14.10 23.03
N ASP B 261 -17.56 -13.58 22.98
CA ASP B 261 -18.04 -12.88 21.80
C ASP B 261 -17.21 -11.61 21.64
N THR B 262 -16.21 -11.67 20.76
CA THR B 262 -15.30 -10.55 20.55
C THR B 262 -14.75 -10.53 19.12
N GLY B 263 -14.19 -9.39 18.72
CA GLY B 263 -13.64 -9.25 17.38
C GLY B 263 -12.73 -10.37 16.91
N LEU B 264 -11.81 -10.80 17.77
CA LEU B 264 -10.89 -11.88 17.43
C LEU B 264 -11.54 -13.26 17.32
N SER B 265 -12.74 -13.40 17.87
CA SER B 265 -13.45 -14.66 17.77
C SER B 265 -13.83 -14.83 16.30
N HIS B 266 -14.27 -13.73 15.68
CA HIS B 266 -14.65 -13.72 14.26
C HIS B 266 -13.42 -13.97 13.42
N LEU B 267 -12.31 -13.37 13.81
CA LEU B 267 -11.05 -13.57 13.10
C LEU B 267 -10.73 -15.06 13.11
N THR B 268 -10.88 -15.68 14.28
CA THR B 268 -10.64 -17.11 14.42
C THR B 268 -11.49 -17.87 13.40
N ALA B 269 -12.73 -17.42 13.21
CA ALA B 269 -13.63 -18.04 12.23
C ALA B 269 -13.08 -17.82 10.83
N ALA B 270 -12.60 -16.61 10.59
CA ALA B 270 -12.05 -16.24 9.29
C ALA B 270 -10.88 -17.15 8.94
N LEU B 271 -10.12 -17.54 9.96
CA LEU B 271 -8.96 -18.40 9.75
C LEU B 271 -9.30 -19.89 9.70
N ASP B 272 -10.59 -20.21 9.79
CA ASP B 272 -11.08 -21.58 9.72
C ASP B 272 -10.60 -22.54 10.83
N ARG B 273 -10.50 -22.05 12.05
CA ARG B 273 -10.06 -22.86 13.19
C ARG B 273 -11.26 -23.23 14.07
N PRO B 274 -11.29 -24.46 14.60
CA PRO B 274 -12.41 -24.90 15.47
C PRO B 274 -12.51 -23.84 16.57
N ASN B 275 -13.72 -23.38 16.87
CA ASN B 275 -13.91 -22.32 17.84
C ASN B 275 -15.16 -22.49 18.70
N ILE B 276 -14.98 -22.43 20.02
CA ILE B 276 -16.06 -22.55 20.98
C ILE B 276 -16.27 -21.13 21.52
N THR B 277 -17.40 -20.50 21.22
CA THR B 277 -17.62 -19.16 21.76
C THR B 277 -18.66 -19.25 22.85
N VAL B 278 -18.39 -18.61 23.99
CA VAL B 278 -19.34 -18.63 25.09
C VAL B 278 -20.09 -17.30 25.08
N TYR B 279 -21.42 -17.36 25.08
CA TYR B 279 -22.23 -16.15 25.05
C TYR B 279 -23.09 -15.94 26.28
N GLY B 280 -23.25 -14.67 26.64
CA GLY B 280 -24.09 -14.31 27.75
C GLY B 280 -25.24 -13.50 27.16
N PRO B 281 -25.17 -12.16 27.23
CA PRO B 281 -26.21 -11.25 26.69
C PRO B 281 -26.10 -10.91 25.20
N THR B 282 -25.57 -11.86 24.41
CA THR B 282 -25.44 -11.67 22.98
C THR B 282 -26.08 -12.87 22.30
N ASP B 283 -26.49 -12.71 21.04
CA ASP B 283 -27.15 -13.80 20.33
C ASP B 283 -26.51 -14.11 18.98
N PRO B 284 -26.09 -15.38 18.77
CA PRO B 284 -25.46 -15.84 17.53
C PRO B 284 -26.45 -15.94 16.37
N ASN B 293 -20.26 -23.90 11.00
CA ASN B 293 -19.20 -24.44 11.85
C ASN B 293 -19.01 -23.65 13.14
N GLN B 294 -19.96 -22.77 13.44
CA GLN B 294 -19.88 -21.98 14.66
C GLN B 294 -20.38 -22.86 15.79
N MET B 295 -19.65 -22.85 16.90
CA MET B 295 -20.07 -23.64 18.05
C MET B 295 -20.38 -22.64 19.15
N VAL B 296 -21.67 -22.44 19.39
CA VAL B 296 -22.10 -21.48 20.38
C VAL B 296 -22.52 -22.14 21.67
N CYS B 297 -21.78 -21.82 22.72
CA CYS B 297 -22.07 -22.35 24.04
C CYS B 297 -22.77 -21.23 24.77
N ARG B 298 -24.08 -21.40 24.98
CA ARG B 298 -24.86 -20.39 25.67
C ARG B 298 -24.88 -20.62 27.17
N ALA B 299 -24.82 -19.53 27.92
CA ALA B 299 -24.82 -19.60 29.37
C ALA B 299 -26.24 -19.70 29.91
N PRO B 300 -26.41 -20.36 31.07
CA PRO B 300 -27.76 -20.48 31.64
C PRO B 300 -28.21 -19.06 32.01
N GLY B 301 -29.44 -18.72 31.66
CA GLY B 301 -29.96 -17.40 31.96
C GLY B 301 -29.28 -16.31 31.14
N ASN B 302 -28.58 -16.71 30.09
CA ASN B 302 -27.87 -15.77 29.23
C ASN B 302 -26.90 -14.89 29.99
N GLU B 303 -26.33 -15.44 31.07
CA GLU B 303 -25.35 -14.69 31.85
C GLU B 303 -24.18 -15.64 32.15
N LEU B 304 -23.01 -15.25 31.65
CA LEU B 304 -21.78 -16.04 31.79
C LEU B 304 -21.39 -16.42 33.21
N SER B 305 -21.88 -15.66 34.19
CA SER B 305 -21.58 -15.96 35.58
C SER B 305 -22.04 -17.36 35.89
N GLN B 306 -23.18 -17.72 35.32
CA GLN B 306 -23.79 -19.03 35.54
C GLN B 306 -23.18 -20.16 34.74
N LEU B 307 -22.30 -19.83 33.79
CA LEU B 307 -21.68 -20.85 32.96
C LEU B 307 -20.39 -21.34 33.61
N THR B 308 -20.43 -22.59 34.08
CA THR B 308 -19.29 -23.21 34.75
C THR B 308 -18.31 -23.81 33.75
N ALA B 309 -17.06 -23.98 34.18
CA ALA B 309 -16.01 -24.54 33.34
C ALA B 309 -16.35 -25.99 33.00
N ASN B 310 -17.00 -26.67 33.95
CA ASN B 310 -17.39 -28.05 33.73
C ASN B 310 -18.38 -28.14 32.57
N ALA B 311 -19.30 -27.19 32.51
CA ALA B 311 -20.31 -27.17 31.45
C ALA B 311 -19.65 -26.87 30.11
N VAL B 312 -18.60 -26.06 30.12
CA VAL B 312 -17.91 -25.75 28.87
C VAL B 312 -17.10 -26.96 28.40
N LYS B 313 -16.48 -27.67 29.34
CA LYS B 313 -15.72 -28.85 28.96
C LYS B 313 -16.71 -29.89 28.41
N GLN B 314 -17.88 -29.99 29.04
CA GLN B 314 -18.92 -30.93 28.59
C GLN B 314 -19.33 -30.53 27.17
N PHE B 315 -19.40 -29.23 26.93
CA PHE B 315 -19.79 -28.73 25.62
C PHE B 315 -18.72 -29.09 24.61
N ILE B 316 -17.46 -28.93 25.01
CA ILE B 316 -16.35 -29.23 24.13
C ILE B 316 -16.37 -30.72 23.79
N GLU B 317 -16.61 -31.57 24.78
CA GLU B 317 -16.62 -32.99 24.52
C GLU B 317 -17.78 -33.37 23.62
N GLU B 318 -18.95 -32.76 23.85
CA GLU B 318 -20.11 -33.05 23.02
C GLU B 318 -19.89 -32.63 21.57
N ASN B 319 -19.13 -31.55 21.37
CA ASN B 319 -18.87 -31.06 20.02
C ASN B 319 -17.51 -31.45 19.46
N ALA B 320 -16.82 -32.36 20.13
CA ALA B 320 -15.49 -32.79 19.70
C ALA B 320 -15.40 -33.32 18.27
N GLU B 321 -16.33 -34.19 17.89
CA GLU B 321 -16.33 -34.76 16.55
C GLU B 321 -16.48 -33.65 15.52
N LYS B 322 -17.37 -32.72 15.82
CA LYS B 322 -17.63 -31.57 14.95
C LYS B 322 -16.34 -30.78 14.76
N ALA B 323 -15.74 -30.40 15.89
CA ALA B 323 -14.51 -29.62 15.87
C ALA B 323 -13.38 -30.40 15.18
N ALA B 324 -13.31 -31.69 15.44
CA ALA B 324 -12.29 -32.52 14.83
C ALA B 324 -12.52 -32.65 13.31
N MET B 325 -13.78 -32.70 12.90
CA MET B 325 -14.15 -32.83 11.49
C MET B 325 -13.47 -31.84 10.54
N ILE B 326 -12.64 -30.97 11.10
CA ILE B 326 -11.86 -30.01 10.31
C ILE B 326 -10.68 -29.59 11.16
#